data_8G1M
#
_entry.id   8G1M
#
_cell.length_a   127.099
_cell.length_b   43.500
_cell.length_c   39.400
_cell.angle_alpha   90.00
_cell.angle_beta   90.56
_cell.angle_gamma   90.00
#
_symmetry.space_group_name_H-M   'C 1 2 1'
#
loop_
_entity.id
_entity.type
_entity.pdbx_description
1 polymer 'E domain-containing protein'
2 non-polymer 'CALCIUM ION'
3 water water
#
_entity_poly.entity_id   1
_entity_poly.type   'polypeptide(L)'
_entity_poly.pdbx_seq_one_letter_code
;TPITIQGKEHFEGYGSVDIQKKPTDLGVSEVTRFNVGNESNGLIGALQLKNKIDFSKDFNFKVRVANNHQSNTTGADGWG
FLFSKGNAEEYLTNGGILGDKGLVNSGGFKIDTGYIYTSSMDKTEKQAGQGYRGYGAFVKNDSSGNSQMVGENIDKSKTN
FLNYADNSTNTSDGKFHGQRLNDVILTYVASTGKMRAEYAGKTWETSITDLGLSKNQAYNFLITSSQRWGLNQGINANGW
MRTDLKGSEFTFTPE
;
_entity_poly.pdbx_strand_id   A
#
loop_
_chem_comp.id
_chem_comp.type
_chem_comp.name
_chem_comp.formula
CA non-polymer 'CALCIUM ION' 'Ca 2'
#
# COMPACT_ATOMS: atom_id res chain seq x y z
C THR A 1 -7.75 10.56 -21.71
N PRO A 2 -8.53 9.57 -21.29
CA PRO A 2 -7.98 8.55 -20.38
C PRO A 2 -6.94 7.68 -21.07
N ILE A 3 -5.92 7.29 -20.31
CA ILE A 3 -4.91 6.36 -20.78
C ILE A 3 -4.94 5.13 -19.87
N THR A 4 -4.40 4.03 -20.39
CA THR A 4 -4.14 2.84 -19.59
C THR A 4 -2.67 2.46 -19.80
N ILE A 5 -1.96 2.23 -18.72
CA ILE A 5 -0.53 1.95 -18.79
C ILE A 5 -0.23 0.71 -17.97
N GLN A 6 0.83 0.01 -18.35
CA GLN A 6 1.39 -1.09 -17.58
C GLN A 6 2.89 -0.96 -17.57
N GLY A 7 3.52 -1.45 -16.51
CA GLY A 7 4.98 -1.56 -16.56
C GLY A 7 5.67 -0.61 -15.58
N LYS A 8 6.79 -1.07 -15.02
CA LYS A 8 7.50 -0.32 -14.00
CA LYS A 8 7.49 -0.31 -14.00
C LYS A 8 8.10 0.97 -14.53
N GLU A 9 8.28 1.11 -15.84
CA GLU A 9 8.93 2.29 -16.40
C GLU A 9 8.06 3.54 -16.29
N HIS A 10 6.78 3.40 -15.95
CA HIS A 10 5.93 4.56 -15.74
C HIS A 10 6.10 5.18 -14.36
N PHE A 11 7.00 4.64 -13.55
CA PHE A 11 7.21 5.08 -12.18
C PHE A 11 8.67 5.44 -11.97
N GLU A 12 8.90 6.45 -11.15
CA GLU A 12 10.24 6.77 -10.68
C GLU A 12 10.39 6.18 -9.28
N GLY A 13 11.47 5.42 -9.07
CA GLY A 13 11.70 4.76 -7.79
C GLY A 13 12.58 5.60 -6.86
N TYR A 14 12.24 5.58 -5.58
CA TYR A 14 12.88 6.38 -4.54
C TYR A 14 13.11 5.53 -3.31
N GLY A 15 14.29 5.67 -2.71
CA GLY A 15 14.57 4.99 -1.45
C GLY A 15 14.82 3.50 -1.63
N SER A 16 14.32 2.73 -0.68
CA SER A 16 14.69 1.31 -0.51
C SER A 16 13.81 0.44 -1.42
N VAL A 17 14.15 0.43 -2.71
CA VAL A 17 13.37 -0.29 -3.71
C VAL A 17 14.29 -0.66 -4.87
N ASP A 18 14.06 -1.84 -5.44
CA ASP A 18 14.90 -2.36 -6.52
C ASP A 18 14.07 -3.31 -7.37
N ILE A 19 14.72 -3.98 -8.31
CA ILE A 19 14.10 -5.02 -9.12
C ILE A 19 14.68 -6.35 -8.68
N GLN A 20 13.81 -7.34 -8.43
CA GLN A 20 14.25 -8.71 -8.20
C GLN A 20 14.03 -9.51 -9.47
N LYS A 21 15.09 -10.10 -10.00
CA LYS A 21 15.01 -10.94 -11.18
C LYS A 21 14.76 -12.38 -10.78
N LYS A 22 13.85 -13.03 -11.50
CA LYS A 22 13.54 -14.45 -11.33
C LYS A 22 13.28 -14.85 -9.88
N PRO A 23 12.30 -14.25 -9.20
CA PRO A 23 11.94 -14.70 -7.85
C PRO A 23 11.43 -16.14 -7.88
N THR A 24 12.12 -17.02 -7.16
CA THR A 24 11.82 -18.44 -7.16
C THR A 24 10.48 -18.75 -6.49
N ASP A 25 9.84 -17.79 -5.83
CA ASP A 25 8.62 -18.06 -5.09
C ASP A 25 7.39 -17.33 -5.62
N LEU A 26 7.50 -16.57 -6.72
CA LEU A 26 6.35 -15.79 -7.20
C LEU A 26 5.83 -16.15 -8.58
N GLY A 27 6.58 -16.86 -9.41
CA GLY A 27 6.03 -17.24 -10.70
C GLY A 27 5.98 -16.13 -11.73
N VAL A 28 6.83 -15.12 -11.61
CA VAL A 28 7.00 -14.10 -12.62
C VAL A 28 8.49 -13.95 -12.85
N SER A 29 8.84 -13.40 -14.02
CA SER A 29 10.26 -13.37 -14.40
C SER A 29 11.02 -12.25 -13.70
N GLU A 30 10.35 -11.15 -13.34
CA GLU A 30 10.94 -10.12 -12.51
C GLU A 30 9.84 -9.42 -11.73
N VAL A 31 10.24 -8.65 -10.71
CA VAL A 31 9.28 -8.01 -9.84
C VAL A 31 9.97 -6.83 -9.17
N THR A 32 9.20 -5.77 -8.94
CA THR A 32 9.69 -4.65 -8.15
C THR A 32 9.66 -5.00 -6.67
N ARG A 33 10.76 -4.74 -5.97
CA ARG A 33 10.95 -5.25 -4.62
C ARG A 33 11.27 -4.11 -3.67
N PHE A 34 10.42 -3.91 -2.66
CA PHE A 34 10.60 -2.88 -1.65
C PHE A 34 11.29 -3.46 -0.42
N ASN A 35 12.02 -2.59 0.30
CA ASN A 35 12.62 -2.91 1.59
C ASN A 35 13.83 -3.82 1.44
N VAL A 36 14.82 -3.35 0.69
CA VAL A 36 16.07 -4.06 0.51
C VAL A 36 17.14 -3.28 1.26
N GLY A 37 18.06 -4.00 1.88
CA GLY A 37 19.11 -3.37 2.65
C GLY A 37 18.87 -3.42 4.14
N ASN A 38 19.53 -2.51 4.83
CA ASN A 38 19.55 -2.55 6.28
C ASN A 38 20.00 -1.19 6.80
N GLU A 39 19.15 -0.54 7.60
CA GLU A 39 19.50 0.73 8.24
C GLU A 39 18.98 0.71 9.66
N SER A 40 19.59 1.52 10.53
CA SER A 40 19.26 1.47 11.95
C SER A 40 17.87 2.01 12.26
N ASN A 41 17.28 2.82 11.39
CA ASN A 41 15.92 3.33 11.60
C ASN A 41 14.93 2.73 10.61
N GLY A 42 15.25 1.57 10.04
CA GLY A 42 14.35 0.88 9.14
C GLY A 42 14.50 1.31 7.69
N LEU A 43 13.57 0.84 6.86
CA LEU A 43 13.62 1.03 5.41
C LEU A 43 12.35 1.70 4.94
N ILE A 44 12.45 2.49 3.88
CA ILE A 44 11.30 3.21 3.34
C ILE A 44 11.54 3.45 1.85
N GLY A 45 10.51 3.23 1.05
CA GLY A 45 10.69 3.33 -0.38
C GLY A 45 9.38 3.65 -1.06
N ALA A 46 9.48 4.24 -2.25
CA ALA A 46 8.31 4.67 -2.98
C ALA A 46 8.54 4.60 -4.48
N LEU A 47 7.48 4.28 -5.21
CA LEU A 47 7.42 4.46 -6.65
C LEU A 47 6.41 5.55 -6.94
N GLN A 48 6.84 6.64 -7.57
CA GLN A 48 5.95 7.73 -7.91
C GLN A 48 5.57 7.63 -9.39
N LEU A 49 4.27 7.59 -9.66
CA LEU A 49 3.81 7.62 -11.03
C LEU A 49 4.30 8.90 -11.71
N LYS A 50 4.82 8.77 -12.93
CA LYS A 50 5.41 9.94 -13.58
C LYS A 50 4.35 10.98 -13.92
N ASN A 51 3.14 10.55 -14.29
CA ASN A 51 2.04 11.47 -14.55
C ASN A 51 1.25 11.73 -13.26
N LYS A 52 0.67 12.90 -13.17
CA LYS A 52 -0.32 13.14 -12.13
C LYS A 52 -1.68 12.62 -12.56
N ILE A 53 -2.54 12.35 -11.58
CA ILE A 53 -3.90 11.88 -11.80
C ILE A 53 -4.85 13.07 -11.74
N ASP A 54 -5.67 13.24 -12.79
CA ASP A 54 -6.71 14.27 -12.83
C ASP A 54 -7.92 13.74 -12.04
N PHE A 55 -8.16 14.30 -10.86
CA PHE A 55 -9.22 13.77 -10.01
C PHE A 55 -10.61 14.22 -10.45
N SER A 56 -10.72 15.03 -11.49
CA SER A 56 -12.02 15.30 -12.06
C SER A 56 -12.47 14.19 -13.01
N LYS A 57 -11.66 13.15 -13.20
CA LYS A 57 -11.98 12.02 -14.07
C LYS A 57 -11.75 10.70 -13.34
N ASP A 58 -12.43 9.66 -13.79
CA ASP A 58 -12.37 8.36 -13.12
C ASP A 58 -10.96 7.78 -13.18
N PHE A 59 -10.69 6.81 -12.31
CA PHE A 59 -9.53 5.96 -12.49
C PHE A 59 -9.83 4.58 -11.95
N ASN A 60 -9.10 3.59 -12.48
N ASN A 60 -9.10 3.59 -12.48
CA ASN A 60 -9.18 2.21 -12.01
CA ASN A 60 -9.18 2.21 -12.01
C ASN A 60 -7.79 1.61 -12.09
C ASN A 60 -7.79 1.59 -12.09
N PHE A 61 -7.31 1.11 -10.96
CA PHE A 61 -5.98 0.53 -10.84
C PHE A 61 -6.13 -0.94 -10.44
N LYS A 62 -5.34 -1.81 -11.06
CA LYS A 62 -5.24 -3.20 -10.62
C LYS A 62 -3.77 -3.46 -10.35
N VAL A 63 -3.39 -3.58 -9.07
CA VAL A 63 -2.00 -3.71 -8.67
C VAL A 63 -1.76 -5.12 -8.13
N ARG A 64 -0.80 -5.83 -8.70
CA ARG A 64 -0.47 -7.17 -8.24
C ARG A 64 0.62 -7.08 -7.19
N VAL A 65 0.32 -7.51 -5.96
CA VAL A 65 1.24 -7.40 -4.85
C VAL A 65 1.35 -8.75 -4.14
N ALA A 66 2.53 -9.00 -3.59
CA ALA A 66 2.80 -10.17 -2.75
C ALA A 66 3.46 -9.69 -1.46
N ASN A 67 2.95 -10.17 -0.32
CA ASN A 67 3.40 -9.73 1.00
C ASN A 67 4.49 -10.66 1.53
N ASN A 68 5.33 -10.11 2.41
CA ASN A 68 6.39 -10.93 2.97
C ASN A 68 5.79 -12.03 3.85
N HIS A 69 6.40 -13.21 3.79
CA HIS A 69 6.03 -14.34 4.66
C HIS A 69 6.85 -14.23 5.93
N GLN A 70 6.44 -13.32 6.80
CA GLN A 70 7.29 -12.88 7.89
C GLN A 70 6.46 -12.41 9.08
N SER A 71 7.00 -12.61 10.29
CA SER A 71 6.45 -12.03 11.52
C SER A 71 6.10 -10.55 11.35
N ASN A 72 4.94 -10.15 11.88
CA ASN A 72 4.54 -8.75 11.77
C ASN A 72 5.24 -7.84 12.75
N THR A 73 6.12 -8.36 13.61
CA THR A 73 6.95 -7.50 14.46
C THR A 73 8.33 -7.22 13.87
N THR A 74 8.78 -7.99 12.88
CA THR A 74 10.04 -7.72 12.21
C THR A 74 9.89 -7.52 10.71
N GLY A 75 8.73 -7.85 10.15
CA GLY A 75 8.50 -7.72 8.73
C GLY A 75 8.15 -6.31 8.32
N ALA A 76 7.72 -6.19 7.07
CA ALA A 76 7.40 -4.90 6.49
C ALA A 76 6.17 -4.29 7.16
N ASP A 77 6.06 -2.96 7.06
CA ASP A 77 4.92 -2.25 7.63
C ASP A 77 3.64 -2.46 6.81
N GLY A 78 3.77 -2.63 5.50
CA GLY A 78 2.65 -2.93 4.63
C GLY A 78 2.78 -2.22 3.29
N TRP A 79 1.65 -2.08 2.59
CA TRP A 79 1.56 -1.27 1.37
C TRP A 79 0.73 -0.03 1.66
N GLY A 80 1.16 1.12 1.14
CA GLY A 80 0.34 2.31 1.17
C GLY A 80 0.15 2.89 -0.22
N PHE A 81 -1.08 2.88 -0.74
CA PHE A 81 -1.35 3.43 -2.08
C PHE A 81 -1.84 4.86 -1.88
N LEU A 82 -0.96 5.83 -2.17
CA LEU A 82 -1.03 7.15 -1.57
C LEU A 82 -1.23 8.23 -2.63
N PHE A 83 -2.15 9.16 -2.35
CA PHE A 83 -2.36 10.34 -3.18
C PHE A 83 -2.01 11.60 -2.42
N SER A 84 -1.29 12.50 -3.07
CA SER A 84 -0.72 13.66 -2.41
C SER A 84 -0.30 14.71 -3.44
N LYS A 85 -0.33 15.97 -3.01
CA LYS A 85 0.40 17.02 -3.73
C LYS A 85 1.89 16.95 -3.46
N GLY A 86 2.27 16.36 -2.34
CA GLY A 86 3.66 16.14 -2.01
C GLY A 86 4.27 15.06 -2.87
N ASN A 87 5.56 14.82 -2.64
CA ASN A 87 6.34 13.98 -3.53
C ASN A 87 7.08 12.89 -2.76
N ALA A 88 7.66 11.96 -3.52
CA ALA A 88 8.31 10.79 -2.94
C ALA A 88 9.48 11.15 -2.04
N GLU A 89 10.27 12.16 -2.41
CA GLU A 89 11.39 12.55 -1.55
C GLU A 89 10.90 13.05 -0.20
N GLU A 90 9.77 13.74 -0.17
CA GLU A 90 9.20 14.16 1.11
C GLU A 90 8.71 12.96 1.90
N TYR A 91 8.11 11.98 1.22
CA TYR A 91 7.63 10.79 1.88
C TYR A 91 8.78 10.02 2.56
N LEU A 92 9.97 10.02 1.96
CA LEU A 92 11.08 9.22 2.49
C LEU A 92 11.52 9.68 3.87
N THR A 93 11.35 10.96 4.18
CA THR A 93 11.74 11.44 5.50
C THR A 93 10.56 11.77 6.40
N ASN A 94 9.33 11.75 5.89
CA ASN A 94 8.18 12.07 6.71
C ASN A 94 7.22 10.91 6.95
N GLY A 95 7.29 9.86 6.15
CA GLY A 95 6.35 8.77 6.22
C GLY A 95 5.13 9.00 5.35
N GLY A 96 4.32 7.94 5.22
CA GLY A 96 3.13 7.97 4.40
C GLY A 96 1.89 7.65 5.22
N ILE A 97 1.20 6.55 4.92
CA ILE A 97 -0.01 6.18 5.63
C ILE A 97 0.12 4.82 6.33
N LEU A 98 1.34 4.34 6.56
CA LEU A 98 1.50 3.05 7.24
C LEU A 98 1.83 3.18 8.73
N GLY A 99 1.75 4.39 9.27
CA GLY A 99 2.04 4.57 10.68
C GLY A 99 1.05 5.51 11.36
N ASP A 100 1.54 6.34 12.29
CA ASP A 100 0.70 7.31 12.96
C ASP A 100 0.79 8.70 12.36
N LYS A 101 1.81 8.97 11.54
CA LYS A 101 2.00 10.29 10.94
C LYS A 101 2.70 10.14 9.60
N GLY A 102 2.50 11.12 8.73
CA GLY A 102 3.15 11.11 7.43
C GLY A 102 2.86 12.37 6.64
N LEU A 103 3.09 12.26 5.33
CA LEU A 103 2.91 13.36 4.39
C LEU A 103 1.60 14.10 4.63
N VAL A 104 1.66 15.42 4.83
CA VAL A 104 0.45 16.16 5.23
C VAL A 104 -0.55 16.23 4.08
N ASN A 105 -1.83 16.36 4.45
CA ASN A 105 -2.95 16.50 3.52
C ASN A 105 -2.87 15.51 2.37
N SER A 106 -2.70 14.23 2.73
CA SER A 106 -2.60 13.14 1.79
C SER A 106 -3.51 12.01 2.28
N GLY A 107 -3.84 11.09 1.38
CA GLY A 107 -4.71 9.98 1.74
C GLY A 107 -4.64 8.86 0.72
N GLY A 108 -5.07 7.68 1.16
CA GLY A 108 -5.10 6.53 0.28
C GLY A 108 -5.53 5.29 1.02
N PHE A 109 -5.21 4.13 0.44
CA PHE A 109 -5.56 2.84 0.99
C PHE A 109 -4.29 2.12 1.43
N LYS A 110 -4.31 1.50 2.61
CA LYS A 110 -3.20 0.73 3.11
C LYS A 110 -3.58 -0.74 3.27
N ILE A 111 -2.61 -1.61 3.01
CA ILE A 111 -2.62 -3.01 3.43
C ILE A 111 -1.58 -3.09 4.53
N ASP A 112 -2.03 -3.21 5.76
CA ASP A 112 -1.16 -3.07 6.93
C ASP A 112 -0.70 -4.47 7.34
N THR A 113 0.60 -4.71 7.28
CA THR A 113 1.18 -6.01 7.57
C THR A 113 2.14 -5.99 8.75
N GLY A 114 2.35 -4.84 9.38
CA GLY A 114 3.34 -4.74 10.43
C GLY A 114 2.79 -4.16 11.72
N TYR A 115 3.06 -4.82 12.83
CA TYR A 115 2.52 -4.40 14.12
C TYR A 115 3.46 -3.38 14.72
N ILE A 116 2.97 -2.16 14.91
CA ILE A 116 3.72 -1.10 15.55
C ILE A 116 3.09 -0.91 16.92
N TYR A 117 3.69 -1.51 17.95
CA TYR A 117 2.97 -1.73 19.20
C TYR A 117 2.62 -0.44 19.93
N THR A 118 3.16 0.70 19.50
CA THR A 118 2.80 1.97 20.09
C THR A 118 1.70 2.70 19.32
N SER A 119 1.19 2.13 18.23
CA SER A 119 0.23 2.82 17.37
C SER A 119 -1.20 2.48 17.76
N SER A 120 -2.03 3.50 17.93
CA SER A 120 -3.42 3.28 18.36
C SER A 120 -4.22 2.51 17.33
N MET A 121 -4.04 2.82 16.04
CA MET A 121 -4.79 2.11 15.01
C MET A 121 -4.47 0.61 15.02
N ASP A 122 -3.18 0.26 15.17
CA ASP A 122 -2.77 -1.14 15.25
C ASP A 122 -3.38 -1.83 16.47
N LYS A 123 -3.43 -1.13 17.61
CA LYS A 123 -4.00 -1.75 18.82
C LYS A 123 -5.49 -1.99 18.66
N THR A 124 -6.24 -1.00 18.16
CA THR A 124 -7.67 -1.22 17.94
C THR A 124 -7.94 -2.28 16.88
N GLU A 125 -7.00 -2.53 15.97
CA GLU A 125 -7.20 -3.60 14.99
C GLU A 125 -6.69 -4.94 15.48
N LYS A 126 -6.24 -5.00 16.73
CA LYS A 126 -5.74 -6.22 17.37
C LYS A 126 -4.66 -6.89 16.52
N GLN A 127 -3.72 -6.09 16.02
CA GLN A 127 -2.71 -6.62 15.12
C GLN A 127 -1.65 -7.46 15.85
N ALA A 128 -1.44 -7.25 17.15
CA ALA A 128 -0.51 -8.09 17.91
C ALA A 128 -0.89 -9.57 17.83
N GLY A 129 0.10 -10.43 17.62
CA GLY A 129 -0.10 -11.87 17.61
C GLY A 129 1.03 -12.57 16.90
N GLN A 130 0.99 -13.90 16.97
CA GLN A 130 1.98 -14.71 16.26
C GLN A 130 1.61 -14.99 14.81
N GLY A 131 0.34 -14.89 14.45
CA GLY A 131 -0.07 -15.12 13.07
C GLY A 131 0.33 -13.95 12.18
N TYR A 132 0.05 -14.12 10.89
CA TYR A 132 0.31 -13.05 9.91
C TYR A 132 -0.86 -12.07 9.93
N ARG A 133 -0.98 -11.37 11.05
CA ARG A 133 -2.14 -10.53 11.34
C ARG A 133 -1.96 -9.15 10.71
N GLY A 134 -2.90 -8.77 9.84
CA GLY A 134 -2.89 -7.49 9.18
C GLY A 134 -4.28 -6.94 9.02
N TYR A 135 -4.43 -5.86 8.26
CA TYR A 135 -5.75 -5.29 8.02
C TYR A 135 -5.64 -4.27 6.89
N GLY A 136 -6.77 -4.01 6.23
CA GLY A 136 -6.85 -2.99 5.21
C GLY A 136 -7.70 -1.82 5.67
N ALA A 137 -7.37 -0.62 5.18
CA ALA A 137 -8.15 0.55 5.56
C ALA A 137 -7.75 1.73 4.71
N PHE A 138 -8.71 2.63 4.51
CA PHE A 138 -8.40 3.94 3.97
C PHE A 138 -7.89 4.81 5.11
N VAL A 139 -6.91 5.66 4.81
CA VAL A 139 -6.23 6.47 5.83
C VAL A 139 -6.09 7.89 5.29
N LYS A 140 -6.35 8.87 6.14
CA LYS A 140 -6.14 10.27 5.80
C LYS A 140 -5.11 10.88 6.74
N ASN A 141 -4.20 11.68 6.19
CA ASN A 141 -3.24 12.48 6.96
C ASN A 141 -3.71 13.93 6.94
N ASP A 142 -3.80 14.56 8.11
CA ASP A 142 -4.39 15.90 8.17
C ASP A 142 -3.33 16.97 7.89
N SER A 143 -3.62 18.24 8.23
CA SER A 143 -2.70 19.32 7.89
C SER A 143 -1.44 19.30 8.75
N SER A 144 -1.46 18.57 9.86
CA SER A 144 -0.25 18.31 10.63
C SER A 144 0.34 16.93 10.34
N GLY A 145 -0.24 16.19 9.41
CA GLY A 145 0.28 14.89 9.03
C GLY A 145 -0.21 13.73 9.85
N ASN A 146 -1.08 13.95 10.83
CA ASN A 146 -1.53 12.86 11.68
C ASN A 146 -2.46 11.94 10.91
N SER A 147 -2.25 10.63 11.03
CA SER A 147 -3.01 9.63 10.29
C SER A 147 -4.25 9.16 11.06
N GLN A 148 -5.39 9.12 10.34
CA GLN A 148 -6.64 8.62 10.88
C GLN A 148 -7.30 7.67 9.89
N MET A 149 -7.86 6.56 10.38
CA MET A 149 -8.67 5.70 9.53
CA MET A 149 -8.67 5.71 9.53
C MET A 149 -9.94 6.45 9.11
N VAL A 150 -10.33 6.29 7.83
CA VAL A 150 -11.57 6.87 7.31
C VAL A 150 -12.23 5.83 6.42
N GLY A 151 -13.47 6.12 6.01
CA GLY A 151 -14.22 5.10 5.28
C GLY A 151 -14.56 3.94 6.19
N GLU A 152 -14.97 2.83 5.57
CA GLU A 152 -15.18 1.60 6.33
C GLU A 152 -15.19 0.40 5.40
N ASN A 153 -15.03 -0.77 6.01
CA ASN A 153 -15.22 -2.02 5.30
C ASN A 153 -16.70 -2.20 5.01
N ILE A 154 -17.03 -2.67 3.82
CA ILE A 154 -18.43 -2.85 3.43
C ILE A 154 -18.79 -4.34 3.26
N ASP A 155 -17.99 -5.24 3.80
CA ASP A 155 -18.45 -6.61 3.93
C ASP A 155 -19.36 -6.74 5.16
N LYS A 156 -20.04 -7.88 5.27
CA LYS A 156 -21.02 -8.05 6.36
C LYS A 156 -20.37 -7.88 7.72
N SER A 157 -19.15 -8.41 7.91
CA SER A 157 -18.42 -8.25 9.16
C SER A 157 -18.23 -6.79 9.54
N LYS A 158 -18.14 -5.90 8.55
CA LYS A 158 -17.60 -4.55 8.72
C LYS A 158 -16.20 -4.57 9.35
N THR A 159 -15.47 -5.67 9.21
CA THR A 159 -14.16 -5.79 9.84
C THR A 159 -13.06 -5.51 8.83
N ASN A 160 -11.92 -5.05 9.35
CA ASN A 160 -10.79 -4.76 8.49
C ASN A 160 -9.77 -5.89 8.43
N PHE A 161 -9.89 -6.90 9.29
CA PHE A 161 -8.83 -7.87 9.48
C PHE A 161 -8.58 -8.68 8.21
N LEU A 162 -7.32 -9.05 8.01
CA LEU A 162 -6.99 -10.04 6.99
C LEU A 162 -5.66 -10.68 7.36
N ASN A 163 -5.48 -11.93 6.94
CA ASN A 163 -4.19 -12.59 7.07
C ASN A 163 -3.38 -12.25 5.83
N TYR A 164 -2.24 -11.60 6.01
CA TYR A 164 -1.51 -11.11 4.85
C TYR A 164 -0.59 -12.15 4.25
N ALA A 165 -0.42 -13.29 4.92
CA ALA A 165 0.29 -14.46 4.42
C ALA A 165 -0.20 -15.67 5.21
N ASP A 166 0.14 -16.87 4.74
CA ASP A 166 -0.24 -18.08 5.44
C ASP A 166 0.83 -19.15 5.21
N ASN A 167 0.63 -20.33 5.80
CA ASN A 167 1.57 -21.42 5.67
C ASN A 167 1.04 -22.53 4.75
N SER A 168 0.18 -22.16 3.81
CA SER A 168 -0.45 -23.15 2.94
C SER A 168 0.57 -23.82 2.04
N THR A 169 0.40 -25.14 1.85
CA THR A 169 1.11 -25.88 0.83
C THR A 169 0.25 -26.10 -0.40
N ASN A 170 -0.81 -25.32 -0.54
CA ASN A 170 -1.72 -25.37 -1.67
C ASN A 170 -1.99 -23.98 -2.21
N THR A 171 -0.92 -23.21 -2.45
CA THR A 171 -1.13 -21.83 -2.86
C THR A 171 -1.79 -21.72 -4.24
N SER A 172 -1.72 -22.76 -5.07
CA SER A 172 -2.42 -22.78 -6.35
C SER A 172 -3.77 -23.47 -6.26
N ASP A 173 -4.39 -23.51 -5.07
CA ASP A 173 -5.72 -24.09 -4.91
C ASP A 173 -6.84 -23.19 -5.43
N GLY A 174 -6.54 -21.96 -5.83
CA GLY A 174 -7.56 -21.05 -6.29
C GLY A 174 -8.00 -20.01 -5.27
N LYS A 175 -7.55 -20.12 -4.03
CA LYS A 175 -7.94 -19.21 -2.96
C LYS A 175 -6.84 -18.16 -2.71
N PHE A 176 -7.12 -17.25 -1.79
CA PHE A 176 -6.20 -16.15 -1.51
C PHE A 176 -5.10 -16.60 -0.56
N HIS A 177 -3.85 -16.37 -0.96
CA HIS A 177 -2.67 -16.58 -0.11
C HIS A 177 -1.79 -15.34 -0.30
N GLY A 178 -1.69 -14.51 0.75
CA GLY A 178 -1.15 -13.16 0.60
C GLY A 178 0.32 -13.09 0.23
N GLN A 179 1.09 -14.16 0.49
CA GLN A 179 2.51 -14.17 0.13
C GLN A 179 2.74 -14.42 -1.35
N ARG A 180 1.69 -14.72 -2.10
CA ARG A 180 1.76 -14.81 -3.55
C ARG A 180 1.19 -13.52 -4.16
N LEU A 181 1.34 -13.40 -5.48
CA LEU A 181 0.81 -12.22 -6.16
C LEU A 181 -0.71 -12.27 -6.20
N ASN A 182 -1.36 -11.16 -5.81
CA ASN A 182 -2.81 -11.03 -5.77
C ASN A 182 -3.23 -9.62 -6.15
N ASP A 183 -4.45 -9.49 -6.69
CA ASP A 183 -4.97 -8.20 -7.16
C ASP A 183 -5.33 -7.27 -6.01
N VAL A 184 -4.82 -6.05 -6.05
CA VAL A 184 -5.43 -4.93 -5.32
C VAL A 184 -6.13 -4.06 -6.35
N ILE A 185 -7.45 -3.94 -6.24
CA ILE A 185 -8.24 -3.13 -7.17
C ILE A 185 -8.64 -1.84 -6.47
N LEU A 186 -8.34 -0.71 -7.09
CA LEU A 186 -8.67 0.60 -6.54
C LEU A 186 -9.45 1.36 -7.61
N THR A 187 -10.69 1.69 -7.32
CA THR A 187 -11.59 2.31 -8.28
C THR A 187 -12.07 3.65 -7.76
N TYR A 188 -12.15 4.64 -8.64
CA TYR A 188 -12.62 5.96 -8.28
C TYR A 188 -13.60 6.44 -9.34
N VAL A 189 -14.76 6.90 -8.90
CA VAL A 189 -15.76 7.51 -9.77
C VAL A 189 -15.79 9.00 -9.46
N ALA A 190 -15.26 9.80 -10.38
CA ALA A 190 -15.05 11.21 -10.11
C ALA A 190 -16.37 11.96 -9.95
N SER A 191 -17.41 11.54 -10.65
CA SER A 191 -18.68 12.24 -10.55
C SER A 191 -19.22 12.20 -9.13
N THR A 192 -19.13 11.03 -8.47
CA THR A 192 -19.71 10.78 -7.17
C THR A 192 -18.74 10.97 -6.01
N GLY A 193 -17.43 11.05 -6.28
CA GLY A 193 -16.42 11.14 -5.25
C GLY A 193 -16.03 9.84 -4.57
N LYS A 194 -16.61 8.71 -4.94
CA LYS A 194 -16.42 7.46 -4.21
C LYS A 194 -15.19 6.70 -4.69
N MET A 195 -14.41 6.19 -3.73
CA MET A 195 -13.24 5.36 -4.00
C MET A 195 -13.43 4.03 -3.29
N ARG A 196 -13.17 2.93 -3.99
CA ARG A 196 -13.39 1.59 -3.50
C ARG A 196 -12.09 0.81 -3.61
N ALA A 197 -11.82 -0.04 -2.64
CA ALA A 197 -10.63 -0.87 -2.66
C ALA A 197 -11.05 -2.32 -2.47
N GLU A 198 -10.52 -3.22 -3.30
CA GLU A 198 -10.79 -4.65 -3.18
C GLU A 198 -9.47 -5.39 -3.03
N TYR A 199 -9.39 -6.26 -2.01
CA TYR A 199 -8.19 -7.03 -1.74
C TYR A 199 -8.54 -8.17 -0.78
N ALA A 200 -7.98 -9.35 -1.04
CA ALA A 200 -8.13 -10.51 -0.14
C ALA A 200 -9.60 -10.91 0.04
N GLY A 201 -10.41 -10.73 -1.00
CA GLY A 201 -11.83 -11.02 -0.92
C GLY A 201 -12.66 -10.02 -0.17
N LYS A 202 -12.07 -8.91 0.28
CA LYS A 202 -12.78 -7.92 1.07
C LYS A 202 -12.91 -6.62 0.29
N THR A 203 -13.82 -5.75 0.74
CA THR A 203 -14.09 -4.51 0.03
C THR A 203 -14.26 -3.35 1.02
N TRP A 204 -13.62 -2.21 0.70
CA TRP A 204 -13.70 -0.98 1.48
C TRP A 204 -14.17 0.16 0.57
N GLU A 205 -14.76 1.19 1.17
CA GLU A 205 -15.19 2.36 0.41
C GLU A 205 -15.04 3.62 1.24
N THR A 206 -14.76 4.73 0.55
CA THR A 206 -14.68 6.03 1.19
C THR A 206 -15.06 7.06 0.14
N SER A 207 -15.20 8.30 0.58
CA SER A 207 -15.25 9.42 -0.34
C SER A 207 -13.90 10.12 -0.33
N ILE A 208 -13.54 10.74 -1.46
CA ILE A 208 -12.30 11.51 -1.46
C ILE A 208 -12.37 12.69 -0.52
N THR A 209 -13.59 13.17 -0.21
CA THR A 209 -13.72 14.21 0.80
C THR A 209 -13.27 13.72 2.17
N ASP A 210 -13.64 12.49 2.54
CA ASP A 210 -13.17 11.93 3.80
C ASP A 210 -11.67 11.65 3.78
N LEU A 211 -11.09 11.47 2.61
CA LEU A 211 -9.64 11.38 2.48
C LEU A 211 -8.95 12.73 2.50
N GLY A 212 -9.70 13.83 2.63
CA GLY A 212 -9.10 15.14 2.55
C GLY A 212 -8.70 15.60 1.18
N LEU A 213 -9.17 14.92 0.12
CA LEU A 213 -8.83 15.29 -1.24
C LEU A 213 -10.00 16.02 -1.90
N SER A 214 -9.74 16.65 -3.04
CA SER A 214 -10.77 17.40 -3.76
C SER A 214 -10.85 16.95 -5.21
N LYS A 215 -12.02 17.21 -5.82
CA LYS A 215 -12.27 16.77 -7.19
C LYS A 215 -11.48 17.59 -8.21
N ASN A 216 -11.49 18.92 -8.06
CA ASN A 216 -10.91 19.78 -9.09
C ASN A 216 -9.41 19.96 -8.91
N GLN A 217 -8.66 18.86 -8.77
CA GLN A 217 -7.23 18.93 -8.52
C GLN A 217 -6.55 17.77 -9.22
N ALA A 218 -5.22 17.85 -9.31
CA ALA A 218 -4.39 16.78 -9.84
C ALA A 218 -3.39 16.35 -8.78
N TYR A 219 -3.24 15.04 -8.58
CA TYR A 219 -2.45 14.52 -7.46
C TYR A 219 -1.34 13.59 -7.95
N ASN A 220 -0.24 13.58 -7.20
CA ASN A 220 0.76 12.53 -7.39
C ASN A 220 0.25 11.22 -6.79
N PHE A 221 0.60 10.11 -7.44
CA PHE A 221 0.23 8.78 -6.96
C PHE A 221 1.49 8.03 -6.60
N LEU A 222 1.54 7.48 -5.40
CA LEU A 222 2.72 6.79 -4.89
C LEU A 222 2.33 5.39 -4.44
N ILE A 223 3.05 4.40 -4.94
CA ILE A 223 3.04 3.06 -4.35
C ILE A 223 4.18 3.03 -3.34
N THR A 224 3.85 2.83 -2.05
CA THR A 224 4.84 2.96 -1.00
C THR A 224 4.88 1.72 -0.13
N SER A 225 6.05 1.49 0.47
CA SER A 225 6.20 0.48 1.51
C SER A 225 7.30 0.95 2.46
N SER A 226 7.45 0.23 3.55
CA SER A 226 8.47 0.54 4.55
C SER A 226 8.59 -0.67 5.45
N GLN A 227 9.66 -0.72 6.23
CA GLN A 227 9.88 -1.82 7.17
C GLN A 227 10.44 -1.23 8.46
N ARG A 228 9.64 -1.27 9.52
CA ARG A 228 10.02 -0.75 10.83
C ARG A 228 10.54 0.69 10.74
N TRP A 229 10.07 1.47 9.76
CA TRP A 229 10.67 2.79 9.55
C TRP A 229 10.25 3.79 10.64
N GLY A 230 11.22 4.57 11.10
CA GLY A 230 10.97 5.53 12.16
C GLY A 230 10.97 4.97 13.57
N LEU A 231 11.23 3.67 13.73
CA LEU A 231 11.11 3.03 15.03
C LEU A 231 12.43 2.79 15.71
N ASN A 232 13.55 3.10 15.05
CA ASN A 232 14.87 2.94 15.66
C ASN A 232 15.09 1.52 16.16
N GLN A 233 14.65 0.52 15.38
CA GLN A 233 14.80 -0.88 15.76
C GLN A 233 15.68 -1.66 14.79
N GLY A 234 16.29 -0.99 13.82
CA GLY A 234 17.09 -1.71 12.84
C GLY A 234 16.23 -2.51 11.88
N ILE A 235 16.91 -3.39 11.14
CA ILE A 235 16.29 -4.35 10.23
C ILE A 235 16.84 -5.72 10.58
N ASN A 236 15.95 -6.65 10.92
CA ASN A 236 16.38 -7.89 11.54
C ASN A 236 15.76 -9.12 10.88
N ALA A 237 15.09 -8.93 9.75
CA ALA A 237 14.47 -10.01 8.99
C ALA A 237 14.19 -9.51 7.59
N ASN A 238 14.11 -10.46 6.66
CA ASN A 238 13.72 -10.11 5.30
CA ASN A 238 13.69 -10.18 5.29
C ASN A 238 12.26 -9.65 5.29
N GLY A 239 12.05 -8.43 4.78
CA GLY A 239 10.73 -7.82 4.76
C GLY A 239 10.33 -7.41 3.36
N TRP A 240 10.76 -8.18 2.36
CA TRP A 240 10.52 -7.84 0.97
C TRP A 240 9.03 -7.74 0.66
N MET A 241 8.67 -6.67 -0.02
CA MET A 241 7.30 -6.44 -0.47
C MET A 241 7.38 -6.20 -1.96
N ARG A 242 6.68 -7.03 -2.73
CA ARG A 242 6.98 -7.18 -4.14
C ARG A 242 5.71 -6.99 -4.96
N THR A 243 5.84 -6.24 -6.05
CA THR A 243 4.72 -5.95 -6.91
C THR A 243 5.10 -6.20 -8.36
N ASP A 244 4.22 -6.88 -9.09
CA ASP A 244 4.44 -7.16 -10.50
C ASP A 244 3.78 -6.05 -11.32
N LEU A 245 4.57 -5.03 -11.68
CA LEU A 245 4.00 -3.90 -12.38
C LEU A 245 3.77 -4.22 -13.85
N LYS A 246 4.41 -5.26 -14.35
CA LYS A 246 4.20 -5.67 -15.73
C LYS A 246 2.77 -6.17 -15.91
N GLY A 247 2.27 -6.91 -14.93
CA GLY A 247 0.94 -7.48 -14.90
C GLY A 247 -0.11 -6.62 -14.26
N SER A 248 0.26 -5.44 -13.76
CA SER A 248 -0.68 -4.47 -13.23
C SER A 248 -1.18 -3.57 -14.34
N GLU A 249 -2.26 -2.84 -14.05
CA GLU A 249 -2.77 -1.87 -15.01
C GLU A 249 -3.32 -0.65 -14.27
N PHE A 250 -3.13 0.53 -14.88
CA PHE A 250 -3.50 1.81 -14.29
C PHE A 250 -4.24 2.62 -15.34
N THR A 251 -5.52 2.83 -15.15
CA THR A 251 -6.33 3.62 -16.07
C THR A 251 -6.75 4.92 -15.39
N PHE A 252 -6.48 6.04 -16.04
CA PHE A 252 -6.71 7.34 -15.44
C PHE A 252 -6.56 8.40 -16.52
N THR A 253 -6.98 9.61 -16.20
CA THR A 253 -6.73 10.75 -17.06
C THR A 253 -5.52 11.51 -16.54
N PRO A 254 -4.44 11.63 -17.31
CA PRO A 254 -3.25 12.30 -16.81
C PRO A 254 -3.45 13.81 -16.79
N GLU A 255 -2.60 14.47 -16.01
CA GLU A 255 -2.70 15.91 -15.80
C GLU A 255 -1.41 16.44 -15.21
CA CA B . 0.43 -1.47 11.41
#